data_3I0P
#
_entry.id   3I0P
#
_cell.length_a   106.230
_cell.length_b   106.230
_cell.length_c   72.114
_cell.angle_alpha   90.000
_cell.angle_beta   90.000
_cell.angle_gamma   120.000
#
_symmetry.space_group_name_H-M   'P 3 2 1'
#
loop_
_entity.id
_entity.type
_entity.pdbx_description
1 polymer 'Malate dehydrogenase'
2 non-polymer NICOTINAMIDE-ADENINE-DINUCLEOTIDE
3 non-polymer GLYCEROL
4 water water
#
_entity_poly.entity_id   1
_entity_poly.type   'polypeptide(L)'
_entity_poly.pdbx_seq_one_letter_code
;MSTSQTKNVSIDTIKEFMYQVLLKVGSDEENARMVRDTLIAADLRGMDTHGIQRFKTVYIDRIKKGMINPTAKPSIIRET
STTCVLDGNNGFGHVNGTIGMKMAIEKAKKYGMGMVVVRNSTHFGIAGYYSLLAAQEGCIGICGTNARSSVAATFGDEPI
LGTNPLAIGIPSDEAFPYCFDGATSISPTGRFEKYVRMGKTVDKSWASMKGGKPIEDPKELLENYPKGKAYLHPLGGSDE
VSGSHKGYCLSEFVEIMSSCLSIANFLNHIEEEKEKSGKFSLGHFFIAINVECFRDLNEFKKNVGDINRTLRNTDKLPGH
DRIYTAGEKEYETEQKRRKFGDDLPLVTINEMKELSSFYNVPLPF
;
_entity_poly.pdbx_strand_id   A
#
loop_
_chem_comp.id
_chem_comp.type
_chem_comp.name
_chem_comp.formula
GOL non-polymer GLYCEROL 'C3 H8 O3'
NAD non-polymer NICOTINAMIDE-ADENINE-DINUCLEOTIDE 'C21 H27 N7 O14 P2'
#
# COMPACT_ATOMS: atom_id res chain seq x y z
N GLN A 5 -23.21 -7.96 8.33
CA GLN A 5 -24.05 -7.76 7.10
C GLN A 5 -23.32 -6.97 6.03
N THR A 6 -23.71 -7.19 4.78
CA THR A 6 -22.96 -6.71 3.63
C THR A 6 -23.86 -6.44 2.41
N LYS A 7 -23.48 -5.43 1.61
CA LYS A 7 -24.21 -5.07 0.39
C LYS A 7 -23.31 -5.09 -0.84
N ASN A 8 -23.77 -5.75 -1.89
CA ASN A 8 -22.99 -5.90 -3.11
C ASN A 8 -23.06 -4.67 -4.01
N VAL A 9 -21.88 -4.14 -4.33
CA VAL A 9 -21.77 -3.03 -5.27
C VAL A 9 -20.77 -3.42 -6.35
N SER A 10 -21.10 -3.13 -7.61
CA SER A 10 -20.22 -3.48 -8.73
C SER A 10 -18.96 -2.61 -8.69
N ILE A 11 -17.85 -3.16 -9.20
CA ILE A 11 -16.59 -2.43 -9.33
C ILE A 11 -16.77 -1.10 -10.10
N ASP A 12 -17.47 -1.15 -11.23
CA ASP A 12 -17.76 0.03 -12.03
C ASP A 12 -18.44 1.13 -11.21
N THR A 13 -19.46 0.77 -10.42
CA THR A 13 -20.15 1.73 -9.56
C THR A 13 -19.17 2.40 -8.59
N ILE A 14 -18.38 1.57 -7.89
CA ILE A 14 -17.39 2.04 -6.93
C ILE A 14 -16.35 2.94 -7.59
N LYS A 15 -15.86 2.51 -8.76
CA LYS A 15 -14.90 3.23 -9.61
C LYS A 15 -15.38 4.62 -9.97
N GLU A 16 -16.57 4.69 -10.59
N GLU A 16 -16.57 4.68 -10.59
CA GLU A 16 -17.17 5.94 -11.06
CA GLU A 16 -17.14 5.93 -11.08
C GLU A 16 -17.48 6.88 -9.93
C GLU A 16 -17.53 6.88 -9.94
N PHE A 17 -17.95 6.31 -8.82
CA PHE A 17 -18.40 7.09 -7.66
C PHE A 17 -17.23 7.80 -7.03
N MET A 18 -16.13 7.07 -6.90
CA MET A 18 -14.92 7.57 -6.28
C MET A 18 -14.39 8.75 -7.08
N TYR A 19 -14.43 8.62 -8.41
CA TYR A 19 -13.96 9.63 -9.32
C TYR A 19 -14.84 10.89 -9.32
N GLN A 20 -16.16 10.71 -9.21
CA GLN A 20 -17.06 11.85 -9.15
C GLN A 20 -16.92 12.61 -7.83
N VAL A 21 -16.82 11.90 -6.72
CA VAL A 21 -16.66 12.55 -5.42
C VAL A 21 -15.33 13.32 -5.31
N LEU A 22 -14.29 12.78 -5.96
CA LEU A 22 -12.98 13.43 -5.96
C LEU A 22 -12.98 14.71 -6.79
N LEU A 23 -13.75 14.71 -7.88
CA LEU A 23 -13.97 15.93 -8.66
C LEU A 23 -14.74 16.95 -7.83
N LYS A 24 -15.82 16.51 -7.19
CA LYS A 24 -16.66 17.40 -6.40
C LYS A 24 -15.92 18.12 -5.28
N VAL A 25 -14.95 17.44 -4.66
CA VAL A 25 -14.13 18.06 -3.59
C VAL A 25 -12.90 18.79 -4.14
N GLY A 26 -12.89 19.01 -5.45
CA GLY A 26 -11.94 19.92 -6.06
C GLY A 26 -10.61 19.35 -6.53
N SER A 27 -10.54 18.03 -6.72
CA SER A 27 -9.37 17.42 -7.33
C SER A 27 -9.17 17.80 -8.80
N ASP A 28 -7.92 17.95 -9.20
CA ASP A 28 -7.57 17.98 -10.61
C ASP A 28 -8.11 16.69 -11.23
N GLU A 29 -8.64 16.80 -12.46
CA GLU A 29 -9.30 15.66 -13.08
C GLU A 29 -8.37 14.44 -13.27
N GLU A 30 -7.17 14.67 -13.77
CA GLU A 30 -6.22 13.56 -13.91
C GLU A 30 -5.87 12.96 -12.53
N ASN A 31 -5.67 13.82 -11.52
CA ASN A 31 -5.47 13.36 -10.15
C ASN A 31 -6.59 12.44 -9.66
N ALA A 32 -7.84 12.82 -9.92
CA ALA A 32 -8.98 11.97 -9.53
C ALA A 32 -8.85 10.58 -10.16
N ARG A 33 -8.42 10.54 -11.42
CA ARG A 33 -8.23 9.27 -12.13
C ARG A 33 -7.11 8.41 -11.55
N MET A 34 -5.96 9.02 -11.28
CA MET A 34 -4.83 8.29 -10.73
C MET A 34 -5.18 7.69 -9.37
N VAL A 35 -5.83 8.48 -8.52
CA VAL A 35 -6.22 8.08 -7.16
C VAL A 35 -7.29 7.00 -7.14
N ARG A 36 -8.33 7.14 -7.96
CA ARG A 36 -9.38 6.15 -7.97
C ARG A 36 -8.90 4.84 -8.57
N ASP A 37 -8.00 4.90 -9.56
CA ASP A 37 -7.41 3.69 -10.15
C ASP A 37 -6.67 2.87 -9.10
N THR A 38 -5.86 3.53 -8.27
CA THR A 38 -5.09 2.79 -7.28
C THR A 38 -5.93 2.45 -6.07
N LEU A 39 -6.99 3.22 -5.81
CA LEU A 39 -7.93 2.83 -4.77
C LEU A 39 -8.75 1.61 -5.20
N ILE A 40 -9.37 1.67 -6.38
CA ILE A 40 -10.13 0.52 -6.87
C ILE A 40 -9.25 -0.74 -7.03
N ALA A 41 -8.01 -0.57 -7.48
CA ALA A 41 -7.02 -1.64 -7.51
C ALA A 41 -6.92 -2.37 -6.18
N ALA A 42 -6.97 -1.63 -5.08
CA ALA A 42 -6.98 -2.27 -3.78
C ALA A 42 -8.22 -3.15 -3.61
N ASP A 43 -9.38 -2.64 -4.03
CA ASP A 43 -10.64 -3.39 -3.90
C ASP A 43 -10.68 -4.58 -4.88
N LEU A 44 -10.18 -4.38 -6.09
CA LEU A 44 -10.07 -5.46 -7.06
C LEU A 44 -9.22 -6.60 -6.53
N ARG A 45 -8.16 -6.26 -5.80
CA ARG A 45 -7.18 -7.27 -5.40
C ARG A 45 -7.53 -7.91 -4.05
N GLY A 46 -8.49 -7.35 -3.34
CA GLY A 46 -8.91 -7.90 -2.06
C GLY A 46 -8.21 -7.29 -0.87
N MET A 47 -7.55 -6.16 -1.06
CA MET A 47 -6.96 -5.41 0.05
C MET A 47 -8.03 -4.47 0.58
N ASP A 48 -8.99 -5.04 1.29
CA ASP A 48 -10.23 -4.32 1.61
C ASP A 48 -10.05 -3.13 2.56
N THR A 49 -8.84 -3.02 3.11
CA THR A 49 -8.46 -1.90 3.97
C THR A 49 -7.96 -0.66 3.22
N HIS A 50 -7.82 -0.75 1.90
CA HIS A 50 -7.09 0.28 1.15
C HIS A 50 -7.79 0.90 -0.06
N GLY A 51 -9.07 0.59 -0.23
CA GLY A 51 -9.90 1.18 -1.29
C GLY A 51 -11.11 1.89 -0.71
N ILE A 52 -12.29 1.63 -1.28
CA ILE A 52 -13.55 2.27 -0.89
C ILE A 52 -13.85 2.25 0.63
N GLN A 53 -13.49 1.17 1.32
CA GLN A 53 -13.80 1.04 2.76
C GLN A 53 -13.01 2.03 3.62
N ARG A 54 -12.18 2.81 2.95
CA ARG A 54 -11.32 3.77 3.60
C ARG A 54 -11.38 5.09 2.85
N PHE A 55 -12.22 5.14 1.83
CA PHE A 55 -12.34 6.31 0.97
C PHE A 55 -12.67 7.55 1.78
N LYS A 56 -13.74 7.49 2.56
CA LYS A 56 -14.21 8.64 3.32
C LYS A 56 -13.21 9.17 4.36
N THR A 57 -12.78 8.30 5.28
CA THR A 57 -11.97 8.75 6.41
C THR A 57 -10.51 9.04 6.07
N VAL A 58 -9.93 8.27 5.15
CA VAL A 58 -8.49 8.39 4.87
C VAL A 58 -8.19 9.39 3.74
N TYR A 59 -9.20 9.69 2.93
CA TYR A 59 -9.01 10.61 1.81
C TYR A 59 -9.93 11.83 1.84
N ILE A 60 -11.24 11.60 1.76
CA ILE A 60 -12.21 12.70 1.70
C ILE A 60 -12.17 13.59 2.96
N ASP A 61 -12.28 12.97 4.12
CA ASP A 61 -12.19 13.71 5.38
C ASP A 61 -10.87 14.48 5.50
N ARG A 62 -9.83 13.98 4.86
CA ARG A 62 -8.51 14.59 4.99
C ARG A 62 -8.36 15.77 4.03
N ILE A 63 -8.93 15.65 2.84
CA ILE A 63 -9.03 16.78 1.91
C ILE A 63 -9.85 17.93 2.56
N LYS A 64 -10.91 17.55 3.27
CA LYS A 64 -11.75 18.48 4.02
C LYS A 64 -10.98 19.13 5.18
N LYS A 65 -10.05 18.40 5.79
CA LYS A 65 -9.22 18.97 6.86
C LYS A 65 -7.90 19.54 6.31
N GLY A 66 -7.86 19.81 5.00
CA GLY A 66 -6.69 20.44 4.37
C GLY A 66 -5.39 19.64 4.40
N MET A 67 -5.48 18.36 4.72
CA MET A 67 -4.31 17.47 4.86
C MET A 67 -3.73 16.98 3.53
N ILE A 68 -4.49 17.11 2.46
CA ILE A 68 -4.05 16.74 1.14
C ILE A 68 -4.39 17.93 0.26
N ASN A 69 -3.48 18.26 -0.66
CA ASN A 69 -3.78 19.20 -1.73
C ASN A 69 -4.20 18.44 -2.99
N PRO A 70 -5.51 18.44 -3.30
CA PRO A 70 -6.00 17.55 -4.36
C PRO A 70 -5.73 17.99 -5.80
N THR A 71 -5.22 19.22 -6.00
CA THR A 71 -4.85 19.69 -7.35
C THR A 71 -3.34 19.70 -7.55
N ALA A 72 -2.61 19.25 -6.52
CA ALA A 72 -1.16 19.31 -6.53
C ALA A 72 -0.53 18.26 -7.43
N LYS A 73 0.62 18.60 -7.99
CA LYS A 73 1.43 17.67 -8.77
C LYS A 73 2.84 17.71 -8.20
N PRO A 74 3.63 16.62 -8.38
CA PRO A 74 5.00 16.62 -7.85
C PRO A 74 5.93 17.59 -8.60
N SER A 75 7.00 18.03 -7.93
CA SER A 75 8.01 18.89 -8.55
C SER A 75 9.36 18.20 -8.59
N ILE A 76 10.03 18.29 -9.74
CA ILE A 76 11.38 17.74 -9.89
C ILE A 76 12.37 18.61 -9.09
N ILE A 77 13.01 18.01 -8.09
CA ILE A 77 14.06 18.70 -7.33
C ILE A 77 15.45 18.47 -7.94
N ARG A 78 15.76 17.21 -8.26
CA ARG A 78 17.06 16.82 -8.78
C ARG A 78 16.90 15.62 -9.69
N GLU A 79 17.31 15.75 -10.95
CA GLU A 79 17.14 14.68 -11.93
C GLU A 79 18.45 14.31 -12.65
N THR A 80 18.77 13.02 -12.70
CA THR A 80 19.86 12.54 -13.55
C THR A 80 19.29 11.57 -14.58
N SER A 81 20.16 10.90 -15.32
CA SER A 81 19.76 9.92 -16.35
C SER A 81 18.81 8.85 -15.82
N THR A 82 19.16 8.28 -14.66
CA THR A 82 18.48 7.10 -14.13
C THR A 82 17.75 7.39 -12.82
N THR A 83 17.88 8.60 -12.31
CA THR A 83 17.32 8.93 -10.99
C THR A 83 16.48 10.20 -11.00
N CYS A 84 15.75 10.41 -9.91
CA CYS A 84 15.03 11.66 -9.69
C CYS A 84 14.57 11.81 -8.23
N VAL A 85 14.58 13.05 -7.73
CA VAL A 85 13.95 13.39 -6.45
C VAL A 85 12.72 14.25 -6.74
N LEU A 86 11.60 13.87 -6.14
CA LEU A 86 10.38 14.65 -6.29
C LEU A 86 9.92 15.18 -4.93
N ASP A 87 9.44 16.42 -4.94
CA ASP A 87 8.72 17.00 -3.83
C ASP A 87 7.24 16.79 -4.14
N GLY A 88 6.54 16.10 -3.25
CA GLY A 88 5.15 15.71 -3.48
C GLY A 88 4.14 16.83 -3.38
N ASN A 89 4.58 17.98 -2.85
CA ASN A 89 3.77 19.19 -2.73
C ASN A 89 2.48 18.93 -1.95
N ASN A 90 2.57 17.97 -1.03
CA ASN A 90 1.45 17.55 -0.17
C ASN A 90 0.27 16.98 -0.97
N GLY A 91 0.55 16.46 -2.15
CA GLY A 91 -0.49 15.82 -2.96
C GLY A 91 -0.82 14.40 -2.53
N PHE A 92 -1.67 13.74 -3.31
CA PHE A 92 -2.01 12.33 -3.11
C PHE A 92 -0.79 11.46 -3.36
N GLY A 93 -0.54 10.51 -2.47
CA GLY A 93 0.53 9.55 -2.68
C GLY A 93 0.37 8.83 -4.00
N HIS A 94 -0.88 8.57 -4.38
CA HIS A 94 -1.21 7.86 -5.61
C HIS A 94 -0.81 8.67 -6.81
N VAL A 95 -0.95 10.00 -6.70
CA VAL A 95 -0.52 10.91 -7.75
C VAL A 95 1.00 10.89 -7.86
N ASN A 96 1.68 11.11 -6.73
CA ASN A 96 3.14 11.12 -6.70
C ASN A 96 3.69 9.74 -7.11
N GLY A 97 3.10 8.69 -6.54
CA GLY A 97 3.49 7.32 -6.83
C GLY A 97 3.39 6.93 -8.30
N THR A 98 2.26 7.24 -8.91
CA THR A 98 2.00 6.89 -10.30
C THR A 98 2.98 7.61 -11.20
N ILE A 99 3.11 8.91 -10.99
CA ILE A 99 4.07 9.70 -11.75
C ILE A 99 5.52 9.24 -11.49
N GLY A 100 5.88 9.06 -10.22
CA GLY A 100 7.21 8.60 -9.84
C GLY A 100 7.65 7.30 -10.47
N MET A 101 6.79 6.29 -10.42
CA MET A 101 7.09 4.99 -11.00
C MET A 101 7.09 5.02 -12.53
N LYS A 102 6.07 5.64 -13.12
CA LYS A 102 6.02 5.81 -14.58
C LYS A 102 7.32 6.44 -15.06
N MET A 103 7.80 7.38 -14.25
CA MET A 103 9.04 8.10 -14.51
C MET A 103 10.24 7.16 -14.35
N ALA A 104 10.25 6.34 -13.30
CA ALA A 104 11.30 5.34 -13.13
C ALA A 104 11.30 4.30 -14.27
N ILE A 105 10.13 3.94 -14.76
CA ILE A 105 9.99 3.00 -15.88
C ILE A 105 10.57 3.60 -17.16
N GLU A 106 10.21 4.85 -17.41
CA GLU A 106 10.64 5.59 -18.59
C GLU A 106 12.17 5.62 -18.67
N LYS A 107 12.80 5.96 -17.54
CA LYS A 107 14.25 5.94 -17.39
C LYS A 107 14.86 4.55 -17.51
N ALA A 108 14.13 3.52 -17.09
CA ALA A 108 14.66 2.16 -17.19
C ALA A 108 14.69 1.74 -18.66
N LYS A 109 13.62 2.09 -19.39
CA LYS A 109 13.50 1.80 -20.81
C LYS A 109 14.61 2.45 -21.64
N LYS A 110 15.02 3.64 -21.24
CA LYS A 110 16.07 4.36 -21.96
C LYS A 110 17.48 3.94 -21.56
N TYR A 111 17.71 3.62 -20.28
CA TYR A 111 19.07 3.37 -19.75
C TYR A 111 19.29 2.01 -19.13
N GLY A 112 18.21 1.30 -18.81
CA GLY A 112 18.30 -0.01 -18.18
C GLY A 112 17.70 -0.03 -16.80
N MET A 113 17.90 1.05 -16.06
CA MET A 113 17.36 1.17 -14.71
C MET A 113 16.88 2.58 -14.39
N GLY A 114 15.97 2.67 -13.43
CA GLY A 114 15.42 3.94 -13.01
C GLY A 114 15.03 3.89 -11.54
N MET A 115 15.27 5.00 -10.84
CA MET A 115 14.85 5.15 -9.46
C MET A 115 14.35 6.56 -9.19
N VAL A 116 13.13 6.64 -8.67
CA VAL A 116 12.56 7.93 -8.33
C VAL A 116 12.15 7.88 -6.89
N VAL A 117 12.57 8.89 -6.13
CA VAL A 117 12.16 9.00 -4.72
C VAL A 117 11.28 10.22 -4.48
N VAL A 118 10.46 10.16 -3.45
CA VAL A 118 9.49 11.22 -3.17
C VAL A 118 9.56 11.65 -1.71
N ARG A 119 9.54 12.96 -1.48
CA ARG A 119 9.31 13.54 -0.16
C ARG A 119 8.01 14.38 -0.13
N ASN A 120 7.53 14.70 1.07
CA ASN A 120 6.38 15.60 1.25
C ASN A 120 5.16 15.08 0.46
N SER A 121 4.86 13.81 0.67
CA SER A 121 3.73 13.14 0.02
C SER A 121 2.76 12.63 1.10
N THR A 122 1.71 11.95 0.67
CA THR A 122 0.71 11.43 1.59
C THR A 122 0.47 9.95 1.30
N HIS A 123 -0.47 9.35 2.04
CA HIS A 123 -0.81 7.93 1.91
C HIS A 123 -1.01 7.53 0.45
N PHE A 124 -0.37 6.43 0.06
CA PHE A 124 -0.37 6.05 -1.35
C PHE A 124 -1.07 4.72 -1.63
N GLY A 125 -1.88 4.28 -0.68
CA GLY A 125 -2.68 3.06 -0.83
C GLY A 125 -1.81 1.83 -0.87
N ILE A 126 -2.12 0.91 -1.77
CA ILE A 126 -1.37 -0.35 -1.83
C ILE A 126 -0.02 -0.22 -2.54
N ALA A 127 1.05 -0.70 -1.89
CA ALA A 127 2.38 -0.60 -2.49
C ALA A 127 2.40 -1.37 -3.81
N GLY A 128 1.72 -2.52 -3.81
CA GLY A 128 1.66 -3.40 -4.97
C GLY A 128 1.24 -2.73 -6.25
N TYR A 129 0.50 -1.64 -6.16
CA TYR A 129 -0.04 -0.97 -7.36
C TYR A 129 1.08 -0.46 -8.25
N TYR A 130 2.05 0.20 -7.62
CA TYR A 130 3.15 0.81 -8.34
C TYR A 130 4.08 -0.25 -8.94
N SER A 131 4.26 -1.35 -8.21
CA SER A 131 5.04 -2.47 -8.72
C SER A 131 4.36 -3.11 -9.93
N LEU A 132 3.03 -3.18 -9.90
CA LEU A 132 2.28 -3.71 -11.03
C LEU A 132 2.48 -2.87 -12.30
N LEU A 133 2.55 -1.56 -12.16
CA LEU A 133 2.81 -0.69 -13.29
C LEU A 133 4.11 -1.08 -13.98
N ALA A 134 5.13 -1.40 -13.18
CA ALA A 134 6.43 -1.78 -13.71
C ALA A 134 6.39 -3.13 -14.44
N ALA A 135 5.72 -4.11 -13.83
CA ALA A 135 5.60 -5.45 -14.44
C ALA A 135 4.85 -5.45 -15.78
N GLN A 136 3.86 -4.56 -15.92
CA GLN A 136 3.09 -4.42 -17.17
C GLN A 136 3.97 -3.93 -18.33
N GLU A 137 4.97 -3.11 -18.01
CA GLU A 137 5.94 -2.59 -18.99
C GLU A 137 7.18 -3.47 -19.16
N GLY A 138 7.15 -4.70 -18.65
CA GLY A 138 8.29 -5.61 -18.78
C GLY A 138 9.49 -5.26 -17.90
N CYS A 139 9.24 -4.52 -16.82
CA CYS A 139 10.26 -4.22 -15.83
C CYS A 139 9.97 -4.93 -14.51
N ILE A 140 11.03 -5.25 -13.77
CA ILE A 140 10.93 -5.61 -12.37
C ILE A 140 10.66 -4.31 -11.65
N GLY A 141 9.64 -4.26 -10.80
CA GLY A 141 9.32 -3.07 -10.02
C GLY A 141 9.39 -3.26 -8.53
N ILE A 142 10.21 -2.45 -7.87
CA ILE A 142 10.39 -2.52 -6.42
C ILE A 142 10.06 -1.16 -5.85
N CYS A 143 9.23 -1.13 -4.80
CA CYS A 143 8.79 0.12 -4.26
C CYS A 143 8.37 -0.02 -2.80
N GLY A 144 8.17 1.11 -2.13
CA GLY A 144 7.80 1.11 -0.72
C GLY A 144 7.53 2.52 -0.22
N THR A 145 7.12 2.62 1.03
CA THR A 145 6.76 3.88 1.65
C THR A 145 7.04 3.77 3.13
N ASN A 146 7.37 4.88 3.79
CA ASN A 146 7.32 4.87 5.24
C ASN A 146 5.93 5.28 5.72
N ALA A 147 5.68 5.16 7.02
CA ALA A 147 4.38 5.47 7.61
C ALA A 147 4.59 5.87 9.07
N ARG A 148 3.55 6.39 9.72
CA ARG A 148 3.65 6.78 11.12
C ARG A 148 4.05 5.61 12.02
N SER A 149 4.82 5.90 13.07
CA SER A 149 5.28 4.91 14.02
C SER A 149 4.15 4.01 14.55
N SER A 150 4.34 2.70 14.39
CA SER A 150 3.43 1.70 14.92
C SER A 150 4.18 0.43 15.32
N VAL A 151 5.41 0.27 14.84
CA VAL A 151 6.18 -0.96 14.99
C VAL A 151 7.41 -0.77 15.91
N ALA A 152 7.61 -1.70 16.84
CA ALA A 152 8.77 -1.68 17.73
C ALA A 152 9.96 -2.37 17.10
N ALA A 153 11.13 -1.75 17.24
CA ALA A 153 12.42 -2.36 16.92
C ALA A 153 12.60 -3.67 17.70
N THR A 154 13.61 -4.46 17.34
CA THR A 154 13.94 -5.68 18.10
C THR A 154 14.53 -5.27 19.43
N PHE A 155 13.93 -5.79 20.52
CA PHE A 155 14.24 -5.44 21.91
C PHE A 155 13.59 -4.11 22.35
N GLY A 156 12.67 -3.60 21.53
CA GLY A 156 12.02 -2.30 21.78
C GLY A 156 10.69 -2.45 22.46
N ASP A 157 10.26 -1.41 23.16
CA ASP A 157 9.03 -1.44 23.97
C ASP A 157 8.14 -0.23 23.63
N GLU A 158 8.26 0.22 22.39
CA GLU A 158 7.73 1.51 21.96
C GLU A 158 7.58 1.52 20.43
N PRO A 159 6.43 2.00 19.91
CA PRO A 159 6.29 2.14 18.45
C PRO A 159 7.22 3.21 17.91
N ILE A 160 8.02 2.86 16.89
CA ILE A 160 8.97 3.80 16.28
C ILE A 160 8.99 3.75 14.73
N LEU A 161 8.79 2.55 14.18
CA LEU A 161 8.84 2.36 12.73
C LEU A 161 7.44 2.20 12.16
N GLY A 162 7.24 2.68 10.95
CA GLY A 162 5.99 2.44 10.24
C GLY A 162 5.85 0.96 9.92
N THR A 163 4.70 0.57 9.39
CA THR A 163 4.51 -0.79 8.91
C THR A 163 5.31 -0.99 7.62
N ASN A 164 5.76 0.12 7.04
CA ASN A 164 6.77 0.15 5.99
C ASN A 164 6.68 -1.00 4.98
N PRO A 165 5.66 -0.96 4.11
CA PRO A 165 5.50 -2.06 3.17
C PRO A 165 6.54 -2.01 2.06
N LEU A 166 6.78 -3.19 1.50
CA LEU A 166 7.65 -3.38 0.35
C LEU A 166 6.83 -4.16 -0.66
N ALA A 167 6.80 -3.67 -1.90
CA ALA A 167 6.15 -4.40 -2.98
C ALA A 167 7.16 -4.67 -4.09
N ILE A 168 7.06 -5.86 -4.68
CA ILE A 168 7.95 -6.30 -5.76
C ILE A 168 7.11 -6.92 -6.87
N GLY A 169 7.12 -6.29 -8.04
CA GLY A 169 6.38 -6.78 -9.19
C GLY A 169 7.31 -7.32 -10.26
N ILE A 170 7.06 -8.56 -10.70
CA ILE A 170 7.94 -9.21 -11.66
C ILE A 170 7.11 -9.83 -12.78
N PRO A 171 7.46 -9.51 -14.05
CA PRO A 171 6.75 -10.08 -15.20
C PRO A 171 6.71 -11.63 -15.15
N SER A 172 5.59 -12.19 -15.59
CA SER A 172 5.35 -13.62 -15.51
C SER A 172 4.73 -14.09 -16.83
N ASP A 173 4.79 -15.40 -17.13
CA ASP A 173 4.16 -15.91 -18.35
C ASP A 173 2.78 -16.44 -18.03
N GLU A 174 2.36 -16.25 -16.78
CA GLU A 174 1.04 -16.62 -16.34
C GLU A 174 0.06 -15.46 -16.55
N ALA A 175 -1.18 -15.63 -16.11
CA ALA A 175 -2.24 -14.65 -16.35
C ALA A 175 -2.12 -13.41 -15.45
N PHE A 176 -1.26 -13.53 -14.43
CA PHE A 176 -0.97 -12.46 -13.48
C PHE A 176 0.53 -12.44 -13.25
N PRO A 177 1.11 -11.26 -12.98
CA PRO A 177 2.55 -11.21 -12.66
C PRO A 177 2.81 -11.70 -11.23
N TYR A 178 4.06 -12.02 -10.94
CA TYR A 178 4.48 -12.19 -9.56
C TYR A 178 4.33 -10.81 -8.92
N CYS A 179 3.70 -10.77 -7.76
CA CYS A 179 3.59 -9.52 -7.04
C CYS A 179 3.57 -9.74 -5.56
N PHE A 180 4.74 -9.60 -4.92
CA PHE A 180 4.74 -9.53 -3.48
C PHE A 180 4.37 -8.11 -3.06
N ASP A 181 3.51 -8.02 -2.05
CA ASP A 181 3.03 -6.73 -1.58
C ASP A 181 2.61 -6.85 -0.14
N GLY A 182 3.38 -6.29 0.77
CA GLY A 182 3.08 -6.43 2.18
C GLY A 182 3.95 -5.63 3.12
N ALA A 183 3.44 -5.44 4.34
CA ALA A 183 4.15 -4.74 5.39
C ALA A 183 5.40 -5.49 5.82
N THR A 184 6.38 -4.77 6.33
CA THR A 184 7.55 -5.44 6.91
C THR A 184 7.31 -5.85 8.36
N SER A 185 6.21 -5.38 8.95
CA SER A 185 5.66 -5.95 10.18
C SER A 185 4.76 -7.13 9.80
N ILE A 186 4.57 -8.08 10.73
CA ILE A 186 3.70 -9.23 10.45
C ILE A 186 2.32 -8.74 9.97
N SER A 187 1.74 -7.81 10.72
CA SER A 187 0.46 -7.22 10.40
C SER A 187 0.55 -5.70 10.21
N PRO A 188 -0.27 -5.14 9.30
CA PRO A 188 -0.54 -3.70 9.25
C PRO A 188 -1.63 -3.26 10.25
N THR A 189 -1.75 -1.96 10.49
CA THR A 189 -2.76 -1.45 11.42
C THR A 189 -4.18 -1.67 10.88
N GLY A 190 -4.33 -1.57 9.56
CA GLY A 190 -5.62 -1.74 8.89
C GLY A 190 -6.28 -3.09 9.12
N ARG A 191 -5.48 -4.13 9.30
CA ARG A 191 -6.00 -5.46 9.63
C ARG A 191 -6.64 -5.44 11.03
N PHE A 192 -6.10 -4.60 11.91
CA PHE A 192 -6.66 -4.40 13.25
C PHE A 192 -8.02 -3.68 13.20
N GLU A 193 -8.11 -2.61 12.40
CA GLU A 193 -9.37 -1.89 12.16
C GLU A 193 -10.43 -2.85 11.61
N LYS A 194 -9.97 -3.78 10.78
CA LYS A 194 -10.80 -4.80 10.15
C LYS A 194 -11.32 -5.77 11.20
N TYR A 195 -10.42 -6.26 12.04
CA TYR A 195 -10.78 -7.25 13.07
C TYR A 195 -11.71 -6.70 14.17
N VAL A 196 -11.60 -5.39 14.48
CA VAL A 196 -12.57 -4.73 15.34
C VAL A 196 -13.95 -4.74 14.68
N ARG A 197 -14.00 -4.32 13.41
CA ARG A 197 -15.26 -4.21 12.67
C ARG A 197 -16.08 -5.51 12.67
N MET A 198 -15.43 -6.63 12.37
CA MET A 198 -16.13 -7.91 12.34
C MET A 198 -16.06 -8.68 13.67
N GLY A 199 -15.46 -8.06 14.68
CA GLY A 199 -15.40 -8.64 16.03
C GLY A 199 -14.69 -9.99 16.12
N LYS A 200 -13.47 -10.06 15.60
CA LYS A 200 -12.63 -11.23 15.79
C LYS A 200 -11.44 -10.83 16.66
N THR A 201 -10.80 -11.82 17.27
CA THR A 201 -9.55 -11.57 17.99
C THR A 201 -8.36 -11.74 17.06
N VAL A 202 -7.28 -11.05 17.36
CA VAL A 202 -6.09 -11.09 16.56
C VAL A 202 -5.09 -12.09 17.09
N ASP A 203 -4.18 -12.51 16.24
CA ASP A 203 -3.18 -13.44 16.64
C ASP A 203 -2.30 -12.83 17.69
N LYS A 204 -1.63 -13.68 18.44
CA LYS A 204 -0.80 -13.27 19.56
C LYS A 204 0.52 -12.71 19.16
N SER A 205 0.97 -13.04 17.97
CA SER A 205 2.26 -12.60 17.48
C SER A 205 2.24 -11.20 16.89
N TRP A 206 1.09 -10.71 16.51
CA TRP A 206 1.03 -9.44 15.83
C TRP A 206 1.42 -8.20 16.64
N ALA A 207 1.00 -8.14 17.87
CA ALA A 207 1.19 -6.93 18.67
C ALA A 207 1.34 -7.21 20.16
N SER A 208 1.73 -6.17 20.90
CA SER A 208 1.95 -6.26 22.33
C SER A 208 1.65 -4.93 23.01
N MET A 209 1.20 -5.01 24.27
CA MET A 209 1.05 -3.81 25.10
C MET A 209 2.44 -3.44 25.58
N LYS A 210 2.63 -2.19 26.00
CA LYS A 210 3.87 -1.77 26.64
C LYS A 210 4.23 -2.81 27.69
N GLY A 211 5.49 -3.24 27.70
CA GLY A 211 5.95 -4.30 28.60
C GLY A 211 6.00 -5.69 27.97
N GLY A 212 5.44 -5.81 26.77
CA GLY A 212 5.57 -7.05 25.98
C GLY A 212 4.46 -8.07 26.09
N LYS A 213 3.38 -7.72 26.80
CA LYS A 213 2.23 -8.61 26.93
C LYS A 213 1.47 -8.67 25.60
N PRO A 214 1.31 -9.88 25.03
CA PRO A 214 0.63 -10.02 23.73
C PRO A 214 -0.77 -9.43 23.73
N ILE A 215 -1.22 -8.92 22.58
CA ILE A 215 -2.57 -8.38 22.43
C ILE A 215 -3.50 -9.36 21.71
N GLU A 216 -4.66 -9.60 22.31
CA GLU A 216 -5.70 -10.43 21.69
C GLU A 216 -6.87 -9.57 21.20
N ASP A 217 -7.06 -8.41 21.83
CA ASP A 217 -8.14 -7.51 21.46
C ASP A 217 -7.63 -6.38 20.56
N PRO A 218 -8.05 -6.38 19.27
CA PRO A 218 -7.58 -5.41 18.29
C PRO A 218 -7.69 -3.95 18.73
N LYS A 219 -8.68 -3.63 19.56
CA LYS A 219 -8.91 -2.25 20.01
C LYS A 219 -7.75 -1.71 20.86
N GLU A 220 -7.13 -2.60 21.64
CA GLU A 220 -6.04 -2.23 22.55
C GLU A 220 -4.85 -1.61 21.82
N LEU A 221 -4.44 -2.23 20.71
CA LEU A 221 -3.37 -1.71 19.87
C LEU A 221 -3.73 -0.37 19.25
N LEU A 222 -4.89 -0.31 18.60
CA LEU A 222 -5.32 0.86 17.87
C LEU A 222 -5.40 2.14 18.71
N GLU A 223 -5.77 1.98 19.98
CA GLU A 223 -5.95 3.11 20.88
C GLU A 223 -4.65 3.53 21.56
N ASN A 224 -3.79 2.54 21.85
CA ASN A 224 -2.59 2.76 22.65
C ASN A 224 -1.31 3.04 21.85
N TYR A 225 -1.26 2.57 20.60
CA TYR A 225 -0.07 2.80 19.76
C TYR A 225 0.15 4.27 19.42
N PRO A 226 -0.93 5.06 19.20
CA PRO A 226 -0.71 6.50 19.00
C PRO A 226 -0.28 7.19 20.29
N LYS A 227 -0.59 6.58 21.43
CA LYS A 227 -0.15 7.07 22.75
C LYS A 227 1.28 6.63 23.11
N GLY A 228 1.88 5.80 22.26
CA GLY A 228 3.21 5.23 22.51
C GLY A 228 3.20 4.13 23.56
N LYS A 229 2.04 3.52 23.79
CA LYS A 229 1.88 2.52 24.85
C LYS A 229 1.53 1.11 24.34
N ALA A 230 1.50 0.95 23.01
CA ALA A 230 1.38 -0.36 22.36
C ALA A 230 2.11 -0.32 21.02
N TYR A 231 2.37 -1.48 20.43
CA TYR A 231 3.13 -1.56 19.19
C TYR A 231 2.96 -2.89 18.45
N LEU A 232 3.17 -2.85 17.13
CA LEU A 232 3.21 -4.04 16.28
C LEU A 232 4.63 -4.64 16.24
N HIS A 233 4.73 -5.95 16.02
CA HIS A 233 6.03 -6.61 15.86
C HIS A 233 6.46 -6.67 14.41
N PRO A 234 7.77 -6.65 14.16
CA PRO A 234 8.27 -6.85 12.80
C PRO A 234 8.03 -8.29 12.34
N LEU A 235 8.09 -8.54 11.04
CA LEU A 235 8.18 -9.91 10.53
C LEU A 235 9.33 -10.65 11.25
N GLY A 236 9.01 -11.77 11.88
CA GLY A 236 9.97 -12.49 12.72
C GLY A 236 9.65 -12.37 14.20
N GLY A 237 8.64 -11.58 14.54
CA GLY A 237 8.18 -11.45 15.92
C GLY A 237 9.08 -10.58 16.78
N SER A 238 9.25 -10.97 18.03
CA SER A 238 10.01 -10.15 18.99
C SER A 238 11.32 -10.79 19.40
N ASP A 239 11.44 -12.10 19.20
CA ASP A 239 12.68 -12.82 19.49
C ASP A 239 13.52 -13.04 18.24
N GLU A 240 14.83 -12.85 18.41
CA GLU A 240 15.81 -13.13 17.36
C GLU A 240 15.71 -14.57 16.89
N VAL A 241 15.27 -15.43 17.81
CA VAL A 241 15.18 -16.86 17.56
C VAL A 241 14.19 -17.17 16.42
N SER A 242 13.12 -16.37 16.32
CA SER A 242 12.12 -16.57 15.28
C SER A 242 12.40 -15.70 14.05
N GLY A 243 13.41 -14.82 14.15
CA GLY A 243 13.84 -14.00 13.03
C GLY A 243 13.50 -12.52 13.10
N SER A 244 13.11 -12.06 14.29
CA SER A 244 12.69 -10.66 14.52
C SER A 244 13.59 -9.62 13.89
N HIS A 245 14.89 -9.79 14.10
CA HIS A 245 15.90 -8.85 13.64
C HIS A 245 15.86 -8.62 12.13
N LYS A 246 15.42 -9.64 11.40
CA LYS A 246 15.33 -9.56 9.95
C LYS A 246 14.20 -8.62 9.50
N GLY A 247 12.96 -8.89 9.90
CA GLY A 247 11.85 -8.00 9.58
C GLY A 247 12.14 -6.58 10.00
N TYR A 248 12.69 -6.44 11.21
CA TYR A 248 13.10 -5.14 11.75
C TYR A 248 14.12 -4.43 10.83
N CYS A 249 15.18 -5.13 10.43
CA CYS A 249 16.15 -4.56 9.48
C CYS A 249 15.53 -4.21 8.14
N LEU A 250 14.62 -5.05 7.66
CA LEU A 250 13.93 -4.81 6.39
C LEU A 250 13.03 -3.58 6.46
N SER A 251 12.30 -3.45 7.57
CA SER A 251 11.53 -2.26 7.92
C SER A 251 12.41 -1.01 7.83
N GLU A 252 13.59 -1.04 8.45
CA GLU A 252 14.50 0.09 8.39
C GLU A 252 14.97 0.39 6.96
N PHE A 253 15.30 -0.67 6.21
CA PHE A 253 15.64 -0.56 4.79
C PHE A 253 14.60 0.29 4.08
N VAL A 254 13.34 -0.10 4.22
CA VAL A 254 12.23 0.64 3.61
C VAL A 254 12.25 2.11 4.03
N GLU A 255 12.40 2.35 5.33
CA GLU A 255 12.44 3.68 5.89
C GLU A 255 13.54 4.56 5.26
N ILE A 256 14.75 4.03 5.19
CA ILE A 256 15.90 4.75 4.64
C ILE A 256 15.69 5.05 3.16
N MET A 257 15.25 4.05 2.40
CA MET A 257 14.95 4.23 0.99
C MET A 257 13.86 5.28 0.77
N SER A 258 12.90 5.33 1.69
CA SER A 258 11.75 6.23 1.56
C SER A 258 12.06 7.66 1.99
N SER A 259 12.89 7.82 3.02
CA SER A 259 13.19 9.16 3.58
C SER A 259 14.58 9.76 3.28
N CYS A 260 15.63 8.94 3.27
CA CYS A 260 16.99 9.48 3.27
C CYS A 260 17.44 10.03 1.94
N LEU A 261 16.89 9.51 0.85
CA LEU A 261 17.26 9.98 -0.47
C LEU A 261 16.47 11.21 -0.90
N SER A 262 15.22 11.32 -0.47
CA SER A 262 14.36 12.45 -0.81
C SER A 262 14.28 13.55 0.27
N ILE A 263 14.87 13.31 1.44
CA ILE A 263 14.74 14.18 2.64
C ILE A 263 13.28 14.31 3.14
N ALA A 264 12.66 13.18 3.42
CA ALA A 264 11.29 13.14 3.95
C ALA A 264 11.32 12.94 5.43
N ASN A 265 10.21 13.24 6.11
CA ASN A 265 10.04 12.88 7.52
C ASN A 265 10.27 11.38 7.71
N PHE A 266 10.93 11.04 8.82
CA PHE A 266 11.20 9.63 9.14
C PHE A 266 10.79 9.33 10.57
N LEU A 267 10.40 8.07 10.81
CA LEU A 267 10.07 7.57 12.15
C LEU A 267 9.07 8.48 12.88
N ASN A 268 9.32 8.74 14.16
CA ASN A 268 8.50 9.62 15.01
C ASN A 268 8.18 11.01 14.43
N HIS A 269 9.02 11.50 13.52
CA HIS A 269 8.81 12.84 12.92
C HIS A 269 7.55 12.93 12.06
N ILE A 270 7.08 11.82 11.52
CA ILE A 270 5.86 11.85 10.72
C ILE A 270 4.68 12.36 11.56
N GLU A 271 4.40 11.67 12.67
CA GLU A 271 3.33 12.05 13.59
C GLU A 271 3.58 13.42 14.24
N GLU A 272 4.81 13.64 14.70
CA GLU A 272 5.20 14.90 15.33
C GLU A 272 4.96 16.13 14.45
N GLU A 273 5.33 16.03 13.17
CA GLU A 273 5.12 17.13 12.22
C GLU A 273 3.65 17.28 11.80
N LYS A 274 2.86 16.19 11.90
CA LYS A 274 1.41 16.26 11.67
C LYS A 274 0.72 17.02 12.82
N GLU A 275 1.24 16.85 14.04
CA GLU A 275 0.74 17.60 15.20
C GLU A 275 1.02 19.10 15.08
N LYS A 276 2.08 19.48 14.35
CA LYS A 276 2.42 20.89 14.13
C LYS A 276 1.73 21.47 12.90
N SER A 277 1.69 20.73 11.80
CA SER A 277 1.25 21.25 10.50
C SER A 277 -0.16 20.81 10.09
N GLY A 278 -0.67 19.77 10.74
CA GLY A 278 -1.98 19.23 10.39
C GLY A 278 -1.98 18.16 9.30
N LYS A 279 -0.80 17.89 8.73
CA LYS A 279 -0.66 17.02 7.56
C LYS A 279 0.38 15.89 7.78
N PHE A 280 0.00 14.64 7.44
CA PHE A 280 0.95 13.52 7.41
C PHE A 280 1.82 13.62 6.17
N SER A 281 3.09 13.97 6.36
CA SER A 281 4.03 14.14 5.26
C SER A 281 5.03 12.97 5.27
N LEU A 282 5.06 12.23 4.16
CA LEU A 282 5.71 10.91 4.05
C LEU A 282 6.67 10.83 2.86
N GLY A 283 7.49 9.79 2.83
CA GLY A 283 8.32 9.49 1.68
C GLY A 283 7.96 8.18 1.00
N HIS A 284 8.41 8.03 -0.25
CA HIS A 284 8.21 6.82 -1.06
C HIS A 284 9.44 6.63 -1.94
N PHE A 285 9.69 5.38 -2.35
CA PHE A 285 10.68 5.09 -3.40
C PHE A 285 10.12 4.14 -4.44
N PHE A 286 10.64 4.25 -5.65
CA PHE A 286 10.19 3.44 -6.79
C PHE A 286 11.37 3.08 -7.67
N ILE A 287 11.59 1.77 -7.82
CA ILE A 287 12.68 1.25 -8.63
C ILE A 287 12.12 0.45 -9.79
N ALA A 288 12.66 0.68 -10.98
CA ALA A 288 12.31 -0.10 -12.17
C ALA A 288 13.56 -0.65 -12.87
N ILE A 289 13.54 -1.93 -13.18
CA ILE A 289 14.66 -2.61 -13.83
C ILE A 289 14.19 -3.19 -15.15
N ASN A 290 14.81 -2.76 -16.24
CA ASN A 290 14.40 -3.20 -17.57
C ASN A 290 14.95 -4.57 -17.89
N VAL A 291 14.07 -5.56 -17.89
CA VAL A 291 14.42 -6.96 -18.13
C VAL A 291 15.16 -7.18 -19.47
N GLU A 292 14.65 -6.59 -20.56
CA GLU A 292 15.18 -6.85 -21.89
C GLU A 292 16.66 -6.43 -22.05
N CYS A 293 17.17 -5.60 -21.13
CA CYS A 293 18.61 -5.31 -21.05
C CYS A 293 19.46 -6.53 -20.68
N PHE A 294 18.84 -7.53 -20.07
CA PHE A 294 19.51 -8.73 -19.56
C PHE A 294 19.24 -9.95 -20.42
N ARG A 295 17.96 -10.18 -20.69
CA ARG A 295 17.48 -11.37 -21.35
C ARG A 295 16.19 -11.02 -22.10
N ASP A 296 15.90 -11.80 -23.13
CA ASP A 296 14.60 -11.79 -23.83
C ASP A 296 13.46 -11.81 -22.81
N LEU A 297 12.45 -10.97 -23.02
CA LEU A 297 11.35 -10.84 -22.06
C LEU A 297 10.52 -12.11 -21.89
N ASN A 298 10.12 -12.71 -23.00
CA ASN A 298 9.29 -13.92 -22.98
C ASN A 298 10.04 -15.11 -22.43
N GLU A 299 11.34 -15.17 -22.70
CA GLU A 299 12.19 -16.22 -22.17
C GLU A 299 12.29 -16.06 -20.65
N PHE A 300 12.42 -14.81 -20.20
CA PHE A 300 12.39 -14.46 -18.77
C PHE A 300 11.03 -14.75 -18.11
N LYS A 301 9.95 -14.31 -18.75
CA LYS A 301 8.59 -14.63 -18.26
C LYS A 301 8.41 -16.13 -18.06
N LYS A 302 8.92 -16.91 -19.01
CA LYS A 302 8.88 -18.37 -18.98
C LYS A 302 9.62 -18.94 -17.76
N ASN A 303 10.81 -18.39 -17.49
CA ASN A 303 11.61 -18.83 -16.36
C ASN A 303 10.89 -18.59 -15.01
N VAL A 304 10.30 -17.39 -14.85
CA VAL A 304 9.53 -17.04 -13.65
C VAL A 304 8.35 -18.00 -13.46
N GLY A 305 7.59 -18.21 -14.54
CA GLY A 305 6.51 -19.19 -14.54
C GLY A 305 6.99 -20.58 -14.14
N ASP A 306 8.09 -21.03 -14.73
CA ASP A 306 8.68 -22.31 -14.36
C ASP A 306 8.98 -22.39 -12.86
N ILE A 307 9.48 -21.31 -12.27
CA ILE A 307 9.74 -21.27 -10.82
C ILE A 307 8.41 -21.44 -10.05
N ASN A 308 7.41 -20.64 -10.41
CA ASN A 308 6.08 -20.73 -9.83
C ASN A 308 5.44 -22.11 -9.97
N ARG A 309 5.53 -22.68 -11.18
CA ARG A 309 4.93 -23.99 -11.45
C ARG A 309 5.61 -25.09 -10.64
N THR A 310 6.94 -25.02 -10.54
CA THR A 310 7.72 -25.95 -9.73
C THR A 310 7.30 -25.84 -8.28
N LEU A 311 7.20 -24.61 -7.80
CA LEU A 311 6.85 -24.35 -6.40
C LEU A 311 5.49 -24.96 -6.05
N ARG A 312 4.49 -24.68 -6.88
CA ARG A 312 3.12 -25.19 -6.66
C ARG A 312 3.00 -26.72 -6.78
N ASN A 313 3.92 -27.33 -7.53
CA ASN A 313 3.95 -28.78 -7.69
C ASN A 313 4.63 -29.59 -6.60
N THR A 314 5.25 -28.94 -5.62
CA THR A 314 5.92 -29.65 -4.52
C THR A 314 4.90 -30.23 -3.54
N ASP A 315 5.33 -31.21 -2.74
CA ASP A 315 4.42 -31.88 -1.82
C ASP A 315 3.78 -30.91 -0.85
N LYS A 316 2.46 -30.98 -0.77
CA LYS A 316 1.67 -30.13 0.11
C LYS A 316 1.54 -30.72 1.51
N LEU A 317 1.76 -29.88 2.51
CA LEU A 317 1.59 -30.25 3.91
C LEU A 317 0.16 -30.72 4.14
N PRO A 318 -0.02 -31.89 4.82
CA PRO A 318 -1.38 -32.37 5.10
C PRO A 318 -2.24 -31.29 5.75
N GLY A 319 -3.48 -31.15 5.26
CA GLY A 319 -4.40 -30.13 5.74
C GLY A 319 -4.53 -28.98 4.75
N HIS A 320 -3.64 -28.95 3.75
CA HIS A 320 -3.62 -27.86 2.77
C HIS A 320 -3.66 -28.32 1.31
N ASP A 321 -4.65 -27.79 0.61
CA ASP A 321 -4.97 -28.19 -0.75
C ASP A 321 -3.95 -27.69 -1.78
N ARG A 322 -3.45 -26.47 -1.57
CA ARG A 322 -2.59 -25.83 -2.58
C ARG A 322 -1.53 -24.90 -2.01
N ILE A 323 -0.51 -24.67 -2.83
CA ILE A 323 0.55 -23.71 -2.58
C ILE A 323 0.31 -22.53 -3.52
N TYR A 324 0.46 -21.31 -2.99
CA TYR A 324 0.28 -20.10 -3.79
C TYR A 324 1.63 -19.44 -4.10
N THR A 325 1.61 -18.52 -5.05
CA THR A 325 2.75 -17.65 -5.26
C THR A 325 2.31 -16.18 -5.18
N ALA A 326 3.27 -15.27 -5.00
CA ALA A 326 2.98 -13.85 -4.85
C ALA A 326 2.00 -13.37 -5.91
N GLY A 327 0.87 -12.84 -5.47
CA GLY A 327 -0.10 -12.23 -6.38
C GLY A 327 -1.18 -13.14 -6.92
N GLU A 328 -1.14 -14.42 -6.55
CA GLU A 328 -2.10 -15.43 -7.04
C GLU A 328 -3.47 -15.21 -6.41
N LYS A 329 -3.49 -15.17 -5.07
CA LYS A 329 -4.67 -14.84 -4.29
C LYS A 329 -5.33 -13.53 -4.75
N GLU A 330 -4.53 -12.55 -5.16
CA GLU A 330 -5.07 -11.27 -5.59
C GLU A 330 -5.72 -11.37 -6.95
N TYR A 331 -5.14 -12.19 -7.83
CA TYR A 331 -5.69 -12.39 -9.17
C TYR A 331 -7.06 -13.06 -9.10
N GLU A 332 -7.16 -14.13 -8.32
CA GLU A 332 -8.41 -14.85 -8.18
C GLU A 332 -9.51 -14.02 -7.54
N THR A 333 -9.16 -13.17 -6.58
CA THR A 333 -10.12 -12.23 -6.01
C THR A 333 -10.55 -11.23 -7.09
N GLU A 334 -9.58 -10.73 -7.85
CA GLU A 334 -9.82 -9.76 -8.89
C GLU A 334 -10.77 -10.31 -9.95
N GLN A 335 -10.61 -11.59 -10.29
CA GLN A 335 -11.47 -12.23 -11.29
C GLN A 335 -12.91 -12.37 -10.77
N LYS A 336 -13.01 -12.79 -9.52
CA LYS A 336 -14.28 -12.89 -8.80
C LYS A 336 -15.01 -11.52 -8.75
N ARG A 337 -14.33 -10.48 -8.29
CA ARG A 337 -14.97 -9.18 -8.07
C ARG A 337 -15.27 -8.41 -9.34
N ARG A 338 -14.46 -8.67 -10.36
CA ARG A 338 -14.65 -8.07 -11.67
C ARG A 338 -16.03 -8.41 -12.22
N LYS A 339 -16.49 -9.63 -12.02
CA LYS A 339 -17.78 -10.05 -12.59
C LYS A 339 -18.94 -10.03 -11.61
N PHE A 340 -18.69 -10.30 -10.33
CA PHE A 340 -19.77 -10.41 -9.34
C PHE A 340 -19.91 -9.23 -8.38
N GLY A 341 -18.98 -8.27 -8.47
CA GLY A 341 -19.00 -7.12 -7.57
C GLY A 341 -18.33 -7.39 -6.24
N ASP A 342 -18.41 -6.40 -5.35
CA ASP A 342 -17.69 -6.39 -4.08
C ASP A 342 -18.70 -6.27 -2.94
N ASP A 343 -18.60 -7.18 -1.98
CA ASP A 343 -19.50 -7.16 -0.84
C ASP A 343 -18.98 -6.19 0.24
N LEU A 344 -19.58 -5.01 0.28
CA LEU A 344 -19.16 -3.96 1.20
C LEU A 344 -19.94 -3.98 2.50
N PRO A 345 -19.24 -3.77 3.64
CA PRO A 345 -19.90 -3.63 4.94
C PRO A 345 -20.90 -2.49 4.92
N LEU A 346 -21.83 -2.51 5.88
CA LEU A 346 -22.90 -1.53 6.00
C LEU A 346 -22.37 -0.13 6.29
N VAL A 347 -21.32 -0.05 7.10
CA VAL A 347 -20.66 1.24 7.39
C VAL A 347 -20.20 1.92 6.10
N THR A 348 -19.65 1.16 5.16
CA THR A 348 -19.12 1.69 3.91
C THR A 348 -20.28 2.19 3.03
N ILE A 349 -21.32 1.37 2.94
CA ILE A 349 -22.52 1.74 2.22
C ILE A 349 -23.04 3.09 2.74
N ASN A 350 -23.09 3.22 4.06
CA ASN A 350 -23.57 4.44 4.70
C ASN A 350 -22.63 5.63 4.49
N GLU A 351 -21.32 5.37 4.52
CA GLU A 351 -20.36 6.41 4.15
C GLU A 351 -20.60 6.89 2.71
N MET A 352 -20.86 5.95 1.79
CA MET A 352 -21.07 6.28 0.37
C MET A 352 -22.33 7.13 0.19
N LYS A 353 -23.42 6.69 0.82
CA LYS A 353 -24.68 7.42 0.82
C LYS A 353 -24.50 8.86 1.30
N GLU A 354 -23.76 9.03 2.38
CA GLU A 354 -23.47 10.36 2.92
C GLU A 354 -22.74 11.25 1.91
N LEU A 355 -21.68 10.73 1.30
CA LEU A 355 -20.95 11.44 0.24
C LEU A 355 -21.81 11.75 -0.98
N SER A 356 -22.63 10.79 -1.39
CA SER A 356 -23.62 10.97 -2.46
C SER A 356 -24.53 12.17 -2.18
N SER A 357 -25.04 12.21 -0.95
CA SER A 357 -25.91 13.26 -0.44
C SER A 357 -25.23 14.64 -0.46
N PHE A 358 -24.05 14.72 0.16
CA PHE A 358 -23.26 15.95 0.27
C PHE A 358 -22.87 16.53 -1.07
N TYR A 359 -22.42 15.70 -2.01
CA TYR A 359 -21.82 16.21 -3.25
C TYR A 359 -22.67 16.03 -4.50
N ASN A 360 -23.91 15.58 -4.29
CA ASN A 360 -24.84 15.32 -5.38
C ASN A 360 -24.21 14.41 -6.43
N VAL A 361 -23.72 13.27 -5.97
CA VAL A 361 -23.17 12.24 -6.84
C VAL A 361 -24.11 11.05 -6.76
N PRO A 362 -24.81 10.76 -7.87
CA PRO A 362 -25.87 9.75 -7.88
C PRO A 362 -25.38 8.34 -7.55
N LEU A 363 -26.20 7.60 -6.82
CA LEU A 363 -25.92 6.22 -6.46
C LEU A 363 -27.15 5.39 -6.81
N PRO A 364 -26.95 4.10 -7.16
CA PRO A 364 -28.14 3.30 -7.50
C PRO A 364 -28.86 2.70 -6.28
N PHE A 365 -28.61 3.26 -5.09
CA PHE A 365 -29.30 2.82 -3.87
C PHE A 365 -29.31 3.90 -2.78
PA NAD B . -0.43 -9.88 3.59
O1A NAD B . -1.90 -9.88 3.23
O2A NAD B . -0.02 -10.52 4.89
O5B NAD B . 0.34 -10.58 2.37
C5B NAD B . 0.09 -10.14 1.02
C4B NAD B . 1.14 -10.66 0.03
O4B NAD B . 1.55 -12.00 0.34
C3B NAD B . 0.63 -10.71 -1.38
O3B NAD B . 1.73 -10.49 -2.28
C2B NAD B . 0.12 -12.13 -1.53
O2B NAD B . 0.13 -12.56 -2.90
C1B NAD B . 1.13 -12.89 -0.71
N9A NAD B . 0.61 -14.16 -0.10
C8A NAD B . -0.38 -14.30 0.78
N7A NAD B . -0.51 -15.60 1.09
C5A NAD B . 0.42 -16.29 0.39
C6A NAD B . 0.78 -17.64 0.28
N6A NAD B . 0.12 -18.59 0.99
N1A NAD B . 1.78 -18.02 -0.55
C2A NAD B . 2.45 -17.10 -1.26
N3A NAD B . 2.13 -15.79 -1.18
C4A NAD B . 1.13 -15.38 -0.36
O3 NAD B . 0.18 -8.37 3.52
PN NAD B . -0.11 -7.10 4.49
O1N NAD B . 1.18 -6.78 5.20
O2N NAD B . -1.39 -7.32 5.27
O5D NAD B . -0.40 -5.91 3.46
C5D NAD B . -1.69 -5.76 2.85
C4D NAD B . -1.75 -4.46 2.04
O4D NAD B . -1.59 -3.33 2.91
C3D NAD B . -0.62 -4.36 1.02
O3D NAD B . -1.21 -4.13 -0.26
C2D NAD B . 0.26 -3.20 1.49
O2D NAD B . 0.83 -2.39 0.44
C1D NAD B . -0.73 -2.38 2.29
N1N NAD B . -0.05 -1.51 3.25
C2N NAD B . 0.08 -0.20 2.96
C3N NAD B . 0.71 0.67 3.85
C7N NAD B . 0.87 2.13 3.54
O7N NAD B . 1.43 2.86 4.36
N7N NAD B . 0.38 2.60 2.40
C4N NAD B . 1.22 0.15 5.05
C5N NAD B . 1.09 -1.21 5.33
C6N NAD B . 0.44 -2.03 4.41
C1 GOL C . -22.40 0.35 -12.82
O1 GOL C . -22.35 1.02 -14.06
C2 GOL C . -23.20 -0.96 -12.86
O2 GOL C . -22.33 -2.06 -13.01
C3 GOL C . -24.27 -0.95 -13.95
O3 GOL C . -23.77 -1.34 -15.22
#